data_1EVE
#
_entry.id   1EVE
#
_cell.length_a   111.925
_cell.length_b   111.925
_cell.length_c   136.896
_cell.angle_alpha   90.00
_cell.angle_beta   90.00
_cell.angle_gamma   120.00
#
_symmetry.space_group_name_H-M   'P 31 2 1'
#
loop_
_entity.id
_entity.type
_entity.pdbx_description
1 polymer ACETYLCHOLINESTERASE
2 branched 2-acetamido-2-deoxy-beta-D-glucopyranose-(1-4)-2-acetamido-2-deoxy-beta-D-glucopyranose
3 non-polymer 2-acetamido-2-deoxy-beta-D-glucopyranose
4 non-polymer 1-BENZYL-4-[(5,6-DIMETHOXY-1-INDANON-2-YL)METHYL]PIPERIDINE
5 water water
#
_entity_poly.entity_id   1
_entity_poly.type   'polypeptide(L)'
_entity_poly.pdbx_seq_one_letter_code
;DDHSELLVNTKSGKVMGTRVPVLSSHISAFLGIPFAEPPVGNMRFRRPEPKKPWSGVWNASTYPNNCQQYVDEQFPGFSG
SEMWNPNREMSEDCLYLNIWVPSPRPKSTTVMVWIYGGGFYSGSSTLDVYNGKYLAYTEEVVLVSLSYRVGAFGFLALHG
SQEAPGNVGLLDQRMALQWVHDNIQFFGGDPKTVTIFGESAGGASVGMHILSPGSRDLFRRAILQSGSPNCPWASVSVAE
GRRRAVELGRNLNCNLNSDEELIHCLREKKPQELIDVEWNVLPFDSIFRFSFVPVIDGEFFPTSLESMLNSGNFKKTQIL
LGVNKDEGSFFLLYGAPGFSKDSESKISREDFMSGVKLSVPHANDLGLDAVTLQYTDWMDDNNGIKNRDGLDDIVGDHNV
ICPLMHFVNKYTKFGNGTYLYFFNHRASNLVWPEWMGVIHGYEIEFVFGLPLVKELNYTAEEEALSRRIMHYWATFAKTG
NPNEPHSQESKWPLFTTKEQKFIDLNTEPMKVHQRLRVQMCVFWNQFLPKLLNATACDGELSS
;
_entity_poly.pdbx_strand_id   A
#
loop_
_chem_comp.id
_chem_comp.type
_chem_comp.name
_chem_comp.formula
E20 non-polymer 1-BENZYL-4-[(5,6-DIMETHOXY-1-INDANON-2-YL)METHYL]PIPERIDINE 'C24 H29 N O3'
NAG D-saccharide, beta linking 2-acetamido-2-deoxy-beta-D-glucopyranose 'C8 H15 N O6'
#
# COMPACT_ATOMS: atom_id res chain seq x y z
N ASP A 2 -29.03 -10.05 -23.01
CA ASP A 2 -27.54 -10.24 -22.98
C ASP A 2 -27.05 -10.92 -24.25
N HIS A 3 -25.75 -10.78 -24.52
CA HIS A 3 -25.16 -11.37 -25.72
C HIS A 3 -23.85 -12.15 -25.48
N SER A 4 -22.71 -11.49 -25.66
CA SER A 4 -21.39 -12.12 -25.50
C SER A 4 -20.83 -12.14 -24.07
N GLU A 5 -19.75 -12.90 -23.89
CA GLU A 5 -19.05 -13.05 -22.62
C GLU A 5 -18.30 -11.77 -22.22
N LEU A 6 -17.97 -10.95 -23.22
CA LEU A 6 -17.26 -9.71 -22.98
C LEU A 6 -18.21 -8.52 -22.83
N LEU A 7 -19.49 -8.81 -22.66
CA LEU A 7 -20.48 -7.76 -22.50
C LEU A 7 -21.18 -7.91 -21.15
N VAL A 8 -21.03 -6.90 -20.30
CA VAL A 8 -21.64 -6.92 -18.98
C VAL A 8 -22.52 -5.70 -18.79
N ASN A 9 -23.76 -5.91 -18.37
CA ASN A 9 -24.70 -4.82 -18.14
C ASN A 9 -24.70 -4.53 -16.64
N THR A 10 -24.11 -3.39 -16.28
CA THR A 10 -24.03 -2.97 -14.88
C THR A 10 -25.02 -1.87 -14.55
N LYS A 11 -25.12 -1.55 -13.26
CA LYS A 11 -26.01 -0.50 -12.78
C LYS A 11 -25.61 0.87 -13.30
N SER A 12 -24.37 0.98 -13.78
CA SER A 12 -23.84 2.23 -14.32
C SER A 12 -23.96 2.25 -15.85
N GLY A 13 -24.10 1.07 -16.44
CA GLY A 13 -24.23 0.96 -17.89
C GLY A 13 -23.54 -0.28 -18.43
N LYS A 14 -23.55 -0.43 -19.76
CA LYS A 14 -22.91 -1.60 -20.38
C LYS A 14 -21.42 -1.37 -20.56
N VAL A 15 -20.64 -2.43 -20.36
CA VAL A 15 -19.18 -2.39 -20.48
C VAL A 15 -18.69 -3.50 -21.39
N MET A 16 -17.78 -3.16 -22.31
CA MET A 16 -17.21 -4.14 -23.23
C MET A 16 -15.75 -4.44 -22.89
N GLY A 17 -15.46 -5.71 -22.62
CA GLY A 17 -14.11 -6.12 -22.28
C GLY A 17 -13.31 -6.65 -23.46
N THR A 18 -12.24 -7.37 -23.15
CA THR A 18 -11.37 -7.95 -24.16
C THR A 18 -10.78 -9.27 -23.68
N ARG A 19 -10.57 -10.20 -24.61
CA ARG A 19 -10.00 -11.51 -24.27
C ARG A 19 -8.48 -11.38 -24.19
N VAL A 20 -7.95 -11.66 -23.00
CA VAL A 20 -6.51 -11.57 -22.74
C VAL A 20 -5.85 -12.93 -22.57
N PRO A 21 -4.69 -13.12 -23.23
CA PRO A 21 -3.92 -14.38 -23.18
C PRO A 21 -3.22 -14.53 -21.83
N VAL A 22 -3.33 -15.71 -21.23
CA VAL A 22 -2.70 -15.97 -19.93
C VAL A 22 -2.21 -17.42 -19.86
N LEU A 23 -0.88 -17.59 -19.84
CA LEU A 23 -0.26 -18.91 -19.75
C LEU A 23 -0.93 -19.97 -20.64
N SER A 24 -0.89 -19.75 -21.96
CA SER A 24 -1.47 -20.66 -22.94
C SER A 24 -3.01 -20.65 -23.02
N SER A 25 -3.66 -20.23 -21.94
CA SER A 25 -5.12 -20.16 -21.90
C SER A 25 -5.57 -18.71 -22.09
N HIS A 26 -6.84 -18.42 -21.80
CA HIS A 26 -7.37 -17.06 -21.95
C HIS A 26 -8.42 -16.72 -20.89
N ILE A 27 -8.55 -15.43 -20.59
CA ILE A 27 -9.55 -14.92 -19.64
C ILE A 27 -10.04 -13.56 -20.11
N SER A 28 -11.03 -13.02 -19.40
CA SER A 28 -11.60 -11.72 -19.76
C SER A 28 -11.00 -10.57 -18.94
N ALA A 29 -11.02 -9.37 -19.53
CA ALA A 29 -10.49 -8.19 -18.87
C ALA A 29 -11.31 -6.94 -19.18
N PHE A 30 -11.78 -6.30 -18.13
CA PHE A 30 -12.57 -5.08 -18.24
C PHE A 30 -11.71 -3.97 -17.65
N LEU A 31 -10.97 -3.30 -18.52
CA LEU A 31 -10.06 -2.24 -18.10
C LEU A 31 -10.57 -0.83 -18.27
N GLY A 32 -10.31 0.01 -17.28
CA GLY A 32 -10.71 1.40 -17.33
C GLY A 32 -12.19 1.68 -17.16
N ILE A 33 -12.80 1.09 -16.14
CA ILE A 33 -14.21 1.33 -15.86
C ILE A 33 -14.30 2.47 -14.86
N PRO A 34 -15.02 3.55 -15.20
CA PRO A 34 -15.17 4.69 -14.30
C PRO A 34 -16.12 4.42 -13.14
N PHE A 35 -15.65 4.70 -11.92
CA PHE A 35 -16.47 4.50 -10.74
C PHE A 35 -16.81 5.84 -10.09
N ALA A 36 -16.29 6.92 -10.68
CA ALA A 36 -16.53 8.26 -10.18
C ALA A 36 -16.46 9.29 -11.31
N GLU A 37 -16.99 10.48 -11.04
CA GLU A 37 -16.96 11.57 -12.01
C GLU A 37 -15.55 12.14 -11.96
N PRO A 38 -14.99 12.51 -13.13
CA PRO A 38 -13.64 13.07 -13.22
C PRO A 38 -13.47 14.22 -12.22
N PRO A 39 -12.55 14.06 -11.26
CA PRO A 39 -12.26 15.06 -10.22
C PRO A 39 -11.47 16.27 -10.74
N VAL A 40 -11.83 16.72 -11.93
CA VAL A 40 -11.17 17.85 -12.57
C VAL A 40 -11.89 19.16 -12.30
N GLY A 41 -11.19 20.27 -12.54
CA GLY A 41 -11.75 21.59 -12.36
C GLY A 41 -12.06 22.00 -10.94
N ASN A 42 -13.29 22.44 -10.71
CA ASN A 42 -13.74 22.88 -9.39
C ASN A 42 -13.79 21.73 -8.41
N MET A 43 -13.85 20.51 -8.94
CA MET A 43 -13.91 19.32 -8.11
C MET A 43 -12.57 18.84 -7.59
N ARG A 44 -11.49 19.51 -7.98
CA ARG A 44 -10.16 19.13 -7.50
C ARG A 44 -10.14 19.36 -5.99
N PHE A 45 -9.63 18.36 -5.25
CA PHE A 45 -9.53 18.39 -3.79
C PHE A 45 -10.85 18.03 -3.13
N ARG A 46 -11.94 18.03 -3.89
CA ARG A 46 -13.27 17.70 -3.37
C ARG A 46 -13.50 16.20 -3.24
N ARG A 47 -14.53 15.84 -2.50
CA ARG A 47 -14.91 14.44 -2.31
C ARG A 47 -15.34 13.88 -3.67
N PRO A 48 -15.14 12.57 -3.88
CA PRO A 48 -15.54 11.99 -5.17
C PRO A 48 -17.06 11.92 -5.34
N GLU A 49 -17.51 12.16 -6.56
CA GLU A 49 -18.94 12.11 -6.89
C GLU A 49 -19.12 10.85 -7.73
N PRO A 50 -20.22 10.11 -7.51
CA PRO A 50 -20.48 8.87 -8.26
C PRO A 50 -20.58 9.13 -9.76
N LYS A 51 -20.02 8.23 -10.56
CA LYS A 51 -20.06 8.36 -12.01
C LYS A 51 -21.49 8.27 -12.53
N LYS A 52 -21.94 9.34 -13.18
CA LYS A 52 -23.29 9.37 -13.75
C LYS A 52 -23.38 8.22 -14.75
N PRO A 53 -24.44 7.39 -14.63
CA PRO A 53 -24.63 6.26 -15.54
C PRO A 53 -24.57 6.69 -17.01
N TRP A 54 -23.97 5.85 -17.84
CA TRP A 54 -23.83 6.16 -19.26
C TRP A 54 -24.73 5.30 -20.15
N SER A 55 -25.06 5.85 -21.31
CA SER A 55 -25.89 5.16 -22.29
C SER A 55 -24.96 4.55 -23.33
N GLY A 56 -25.37 3.43 -23.91
CA GLY A 56 -24.53 2.77 -24.90
C GLY A 56 -23.49 1.91 -24.23
N VAL A 57 -22.50 1.46 -25.00
CA VAL A 57 -21.44 0.60 -24.48
C VAL A 57 -20.13 1.33 -24.23
N TRP A 58 -19.57 1.14 -23.04
CA TRP A 58 -18.30 1.76 -22.66
C TRP A 58 -17.17 0.85 -23.11
N ASN A 59 -16.22 1.40 -23.87
CA ASN A 59 -15.07 0.63 -24.35
C ASN A 59 -14.08 0.41 -23.21
N ALA A 60 -14.04 -0.81 -22.69
CA ALA A 60 -13.15 -1.15 -21.58
C ALA A 60 -12.14 -2.21 -22.01
N SER A 61 -11.45 -1.94 -23.11
CA SER A 61 -10.46 -2.86 -23.64
C SER A 61 -9.04 -2.42 -23.31
N THR A 62 -8.86 -1.12 -23.06
CA THR A 62 -7.53 -0.58 -22.75
C THR A 62 -7.43 0.01 -21.34
N TYR A 63 -6.20 0.04 -20.82
CA TYR A 63 -5.91 0.59 -19.50
C TYR A 63 -6.25 2.07 -19.41
N PRO A 64 -6.67 2.54 -18.23
CA PRO A 64 -7.02 3.95 -18.04
C PRO A 64 -5.79 4.81 -17.81
N ASN A 65 -6.02 6.10 -17.60
CA ASN A 65 -4.95 7.05 -17.33
C ASN A 65 -4.55 6.90 -15.87
N ASN A 66 -3.29 7.21 -15.56
CA ASN A 66 -2.81 7.14 -14.19
C ASN A 66 -2.98 8.52 -13.56
N CYS A 67 -3.18 8.55 -12.25
CA CYS A 67 -3.34 9.83 -11.56
C CYS A 67 -2.05 10.65 -11.58
N GLN A 68 -2.20 11.97 -11.50
CA GLN A 68 -1.05 12.88 -11.48
C GLN A 68 -0.18 12.60 -10.27
N GLN A 69 1.10 12.32 -10.52
CA GLN A 69 2.03 12.00 -9.45
C GLN A 69 3.47 12.32 -9.82
N TYR A 70 4.34 12.29 -8.81
CA TYR A 70 5.76 12.53 -8.99
C TYR A 70 6.34 11.32 -9.72
N VAL A 71 7.21 11.57 -10.69
CA VAL A 71 7.82 10.50 -11.46
C VAL A 71 9.28 10.30 -11.08
N ASP A 72 9.63 9.07 -10.75
CA ASP A 72 10.98 8.69 -10.37
C ASP A 72 11.90 8.77 -11.58
N GLU A 73 12.90 9.64 -11.50
CA GLU A 73 13.87 9.82 -12.58
C GLU A 73 15.29 9.70 -12.05
N GLN A 74 15.45 9.03 -10.91
CA GLN A 74 16.76 8.86 -10.30
C GLN A 74 17.68 7.92 -11.06
N PHE A 75 17.12 6.87 -11.64
CA PHE A 75 17.92 5.90 -12.40
C PHE A 75 17.22 5.61 -13.73
N PRO A 76 17.35 6.53 -14.70
CA PRO A 76 16.75 6.40 -16.03
C PRO A 76 17.15 5.11 -16.74
N GLY A 77 16.15 4.42 -17.29
CA GLY A 77 16.41 3.17 -17.99
C GLY A 77 16.44 1.96 -17.06
N PHE A 78 16.65 2.21 -15.77
CA PHE A 78 16.70 1.15 -14.78
C PHE A 78 15.29 0.63 -14.47
N SER A 79 15.05 -0.64 -14.78
CA SER A 79 13.74 -1.26 -14.57
C SER A 79 13.33 -1.31 -13.11
N GLY A 80 14.30 -1.50 -12.21
CA GLY A 80 14.01 -1.58 -10.79
C GLY A 80 13.25 -0.41 -10.20
N SER A 81 13.46 0.77 -10.77
CA SER A 81 12.80 1.98 -10.29
C SER A 81 11.67 2.44 -11.21
N GLU A 82 11.78 2.13 -12.50
CA GLU A 82 10.75 2.53 -13.46
C GLU A 82 9.54 1.60 -13.51
N MET A 83 9.67 0.41 -12.93
CA MET A 83 8.56 -0.54 -12.89
C MET A 83 7.45 -0.05 -11.97
N TRP A 84 7.78 0.97 -11.17
CA TRP A 84 6.85 1.56 -10.22
C TRP A 84 6.28 2.87 -10.77
N ASN A 85 6.91 3.40 -11.82
CA ASN A 85 6.48 4.65 -12.44
C ASN A 85 5.23 4.44 -13.29
N PRO A 86 4.45 5.51 -13.52
CA PRO A 86 3.22 5.45 -14.33
C PRO A 86 3.56 4.94 -15.72
N ASN A 87 2.89 3.88 -16.17
CA ASN A 87 3.14 3.32 -17.49
C ASN A 87 2.08 3.74 -18.50
N ARG A 88 1.21 4.65 -18.07
CA ARG A 88 0.14 5.19 -18.91
C ARG A 88 0.22 6.71 -18.79
N GLU A 89 -0.49 7.41 -19.67
CA GLU A 89 -0.49 8.87 -19.64
C GLU A 89 -1.13 9.35 -18.34
N MET A 90 -0.54 10.37 -17.72
CA MET A 90 -1.08 10.92 -16.47
C MET A 90 -2.19 11.94 -16.74
N SER A 91 -3.19 11.94 -15.87
CA SER A 91 -4.32 12.85 -15.99
C SER A 91 -5.08 12.90 -14.67
N GLU A 92 -5.77 14.01 -14.43
CA GLU A 92 -6.56 14.15 -13.21
C GLU A 92 -7.82 13.29 -13.34
N ASP A 93 -8.19 12.98 -14.59
CA ASP A 93 -9.32 12.11 -14.87
C ASP A 93 -8.69 10.72 -14.82
N CYS A 94 -8.59 10.17 -13.61
CA CYS A 94 -7.95 8.88 -13.40
C CYS A 94 -8.72 7.88 -12.54
N LEU A 95 -9.88 8.29 -12.04
CA LEU A 95 -10.68 7.40 -11.19
C LEU A 95 -11.38 6.27 -11.94
N TYR A 96 -10.61 5.21 -12.21
CA TYR A 96 -11.10 4.04 -12.92
C TYR A 96 -10.68 2.75 -12.22
N LEU A 97 -11.28 1.64 -12.62
CA LEU A 97 -10.94 0.34 -12.04
C LEU A 97 -10.83 -0.73 -13.11
N ASN A 98 -10.02 -1.75 -12.84
CA ASN A 98 -9.78 -2.84 -13.77
C ASN A 98 -10.24 -4.16 -13.18
N ILE A 99 -10.89 -4.99 -13.99
CA ILE A 99 -11.41 -6.27 -13.51
C ILE A 99 -10.98 -7.43 -14.42
N TRP A 100 -10.44 -8.48 -13.81
CA TRP A 100 -10.02 -9.68 -14.54
C TRP A 100 -10.98 -10.79 -14.15
N VAL A 101 -11.74 -11.27 -15.14
CA VAL A 101 -12.73 -12.32 -14.92
C VAL A 101 -12.33 -13.62 -15.61
N PRO A 102 -12.24 -14.72 -14.86
CA PRO A 102 -11.86 -16.01 -15.45
C PRO A 102 -12.92 -16.47 -16.47
N SER A 103 -12.49 -17.27 -17.44
CA SER A 103 -13.38 -17.76 -18.50
C SER A 103 -13.52 -19.29 -18.45
N PRO A 104 -14.77 -19.80 -18.53
CA PRO A 104 -16.04 -19.07 -18.65
C PRO A 104 -16.38 -18.21 -17.43
N ARG A 105 -17.17 -17.16 -17.64
CA ARG A 105 -17.57 -16.26 -16.56
C ARG A 105 -18.23 -17.05 -15.42
N PRO A 106 -17.69 -16.94 -14.20
CA PRO A 106 -18.25 -17.66 -13.04
C PRO A 106 -19.60 -17.09 -12.63
N LYS A 107 -20.25 -17.74 -11.68
CA LYS A 107 -21.56 -17.29 -11.21
C LYS A 107 -21.45 -16.51 -9.91
N SER A 108 -20.63 -17.01 -8.99
CA SER A 108 -20.45 -16.35 -7.70
C SER A 108 -19.17 -16.84 -7.04
N THR A 109 -18.04 -16.27 -7.46
CA THR A 109 -16.75 -16.66 -6.90
C THR A 109 -16.10 -15.53 -6.10
N THR A 110 -15.04 -15.88 -5.36
CA THR A 110 -14.32 -14.93 -4.53
C THR A 110 -13.77 -13.73 -5.29
N VAL A 111 -13.88 -12.56 -4.65
CA VAL A 111 -13.43 -11.31 -5.22
C VAL A 111 -12.29 -10.71 -4.40
N MET A 112 -11.29 -10.16 -5.09
CA MET A 112 -10.14 -9.53 -4.44
C MET A 112 -9.91 -8.16 -5.06
N VAL A 113 -9.88 -7.13 -4.22
CA VAL A 113 -9.66 -5.76 -4.69
C VAL A 113 -8.28 -5.27 -4.25
N TRP A 114 -7.43 -5.03 -5.24
CA TRP A 114 -6.08 -4.55 -5.02
C TRP A 114 -6.02 -3.03 -4.86
N ILE A 115 -5.28 -2.58 -3.86
CA ILE A 115 -5.10 -1.15 -3.58
C ILE A 115 -3.59 -0.90 -3.61
N TYR A 116 -3.12 -0.25 -4.67
CA TYR A 116 -1.70 0.03 -4.83
C TYR A 116 -1.06 0.95 -3.78
N GLY A 117 0.25 0.79 -3.61
CA GLY A 117 1.00 1.59 -2.66
C GLY A 117 1.68 2.78 -3.32
N GLY A 118 2.66 3.37 -2.65
CA GLY A 118 3.37 4.51 -3.21
C GLY A 118 3.38 5.73 -2.31
N GLY A 119 3.34 5.50 -1.00
CA GLY A 119 3.38 6.57 -0.02
C GLY A 119 2.31 7.64 -0.11
N PHE A 120 1.18 7.30 -0.74
CA PHE A 120 0.05 8.22 -0.91
C PHE A 120 0.36 9.39 -1.84
N TYR A 121 1.57 9.42 -2.40
CA TYR A 121 1.97 10.49 -3.31
C TYR A 121 2.14 9.94 -4.73
N SER A 122 1.98 8.63 -4.89
CA SER A 122 2.13 7.99 -6.18
C SER A 122 1.53 6.59 -6.20
N GLY A 123 1.60 5.97 -7.38
CA GLY A 123 1.07 4.63 -7.57
C GLY A 123 0.16 4.55 -8.78
N SER A 124 0.07 3.36 -9.37
CA SER A 124 -0.77 3.15 -10.53
C SER A 124 -1.29 1.71 -10.51
N SER A 125 -2.55 1.53 -10.91
CA SER A 125 -3.16 0.21 -10.94
C SER A 125 -2.84 -0.54 -12.23
N THR A 126 -2.23 0.18 -13.17
CA THR A 126 -1.89 -0.37 -14.47
C THR A 126 -0.48 -0.96 -14.60
N LEU A 127 0.28 -0.98 -13.50
CA LEU A 127 1.64 -1.52 -13.51
C LEU A 127 1.68 -3.00 -13.88
N ASP A 128 2.80 -3.42 -14.45
CA ASP A 128 2.99 -4.82 -14.86
C ASP A 128 2.92 -5.79 -13.69
N VAL A 129 3.50 -5.42 -12.55
CA VAL A 129 3.48 -6.28 -11.36
C VAL A 129 2.10 -6.36 -10.73
N TYR A 130 1.16 -5.54 -11.22
CA TYR A 130 -0.21 -5.53 -10.71
C TYR A 130 -1.18 -6.18 -11.68
N ASN A 131 -0.66 -6.83 -12.72
CA ASN A 131 -1.50 -7.52 -13.70
C ASN A 131 -2.20 -8.69 -13.03
N GLY A 132 -3.46 -8.51 -12.70
CA GLY A 132 -4.22 -9.56 -12.02
C GLY A 132 -4.69 -10.73 -12.85
N LYS A 133 -4.21 -10.85 -14.08
CA LYS A 133 -4.64 -11.95 -14.94
C LYS A 133 -4.08 -13.31 -14.53
N TYR A 134 -2.90 -13.33 -13.92
CA TYR A 134 -2.28 -14.59 -13.48
C TYR A 134 -2.97 -15.13 -12.23
N LEU A 135 -3.33 -14.22 -11.33
CA LEU A 135 -3.98 -14.58 -10.08
C LEU A 135 -5.44 -14.97 -10.34
N ALA A 136 -6.12 -14.21 -11.19
CA ALA A 136 -7.50 -14.47 -11.53
C ALA A 136 -7.65 -15.84 -12.21
N TYR A 137 -6.74 -16.13 -13.13
CA TYR A 137 -6.73 -17.38 -13.87
C TYR A 137 -6.32 -18.58 -13.02
N THR A 138 -5.17 -18.49 -12.36
CA THR A 138 -4.66 -19.56 -11.54
C THR A 138 -5.56 -19.93 -10.37
N GLU A 139 -5.97 -18.92 -9.60
CA GLU A 139 -6.82 -19.14 -8.43
C GLU A 139 -8.31 -19.09 -8.62
N GLU A 140 -8.76 -18.80 -9.84
CA GLU A 140 -10.18 -18.75 -10.16
C GLU A 140 -10.91 -17.67 -9.33
N VAL A 141 -10.37 -16.46 -9.35
CA VAL A 141 -10.98 -15.34 -8.62
C VAL A 141 -11.22 -14.17 -9.56
N VAL A 142 -12.05 -13.21 -9.12
CA VAL A 142 -12.31 -12.02 -9.91
C VAL A 142 -11.41 -10.95 -9.31
N LEU A 143 -10.34 -10.63 -10.02
CA LEU A 143 -9.38 -9.64 -9.55
C LEU A 143 -9.72 -8.22 -9.99
N VAL A 144 -9.93 -7.35 -9.02
CA VAL A 144 -10.24 -5.94 -9.28
C VAL A 144 -9.10 -5.10 -8.74
N SER A 145 -8.75 -4.03 -9.46
CA SER A 145 -7.70 -3.13 -9.01
C SER A 145 -8.26 -1.73 -9.18
N LEU A 146 -8.42 -1.04 -8.06
CA LEU A 146 -8.95 0.32 -8.08
C LEU A 146 -7.84 1.34 -8.27
N SER A 147 -8.21 2.61 -8.18
CA SER A 147 -7.27 3.72 -8.30
C SER A 147 -7.80 4.83 -7.43
N TYR A 148 -6.89 5.66 -6.94
CA TYR A 148 -7.28 6.78 -6.09
C TYR A 148 -6.32 7.93 -6.29
N ARG A 149 -6.81 9.14 -6.02
CA ARG A 149 -5.99 10.34 -6.17
C ARG A 149 -4.89 10.36 -5.12
N VAL A 150 -3.66 10.56 -5.58
CA VAL A 150 -2.49 10.62 -4.72
C VAL A 150 -1.97 12.05 -4.64
N GLY A 151 -0.94 12.27 -3.82
CA GLY A 151 -0.36 13.58 -3.67
C GLY A 151 -1.35 14.58 -3.09
N ALA A 152 -1.18 15.85 -3.44
CA ALA A 152 -2.05 16.91 -2.96
C ALA A 152 -3.47 16.74 -3.51
N PHE A 153 -3.56 16.24 -4.74
CA PHE A 153 -4.84 16.02 -5.41
C PHE A 153 -5.77 15.13 -4.61
N GLY A 154 -5.20 14.12 -3.95
CA GLY A 154 -6.03 13.23 -3.16
C GLY A 154 -5.94 13.41 -1.66
N PHE A 155 -4.97 14.18 -1.18
CA PHE A 155 -4.82 14.34 0.26
C PHE A 155 -4.55 15.72 0.84
N LEU A 156 -4.79 16.78 0.06
CA LEU A 156 -4.61 18.13 0.58
C LEU A 156 -5.67 18.29 1.66
N ALA A 157 -5.27 18.74 2.85
CA ALA A 157 -6.22 18.86 3.95
C ALA A 157 -6.35 20.21 4.65
N LEU A 158 -7.57 20.72 4.68
CA LEU A 158 -7.89 21.99 5.34
C LEU A 158 -9.19 21.73 6.09
N HIS A 159 -9.06 21.09 7.26
CA HIS A 159 -10.19 20.73 8.11
C HIS A 159 -11.15 21.89 8.38
N GLY A 160 -12.43 21.65 8.08
CA GLY A 160 -13.43 22.67 8.26
C GLY A 160 -13.98 23.14 6.92
N SER A 161 -13.17 22.94 5.89
CA SER A 161 -13.53 23.32 4.52
C SER A 161 -14.16 22.13 3.81
N GLN A 162 -15.15 22.41 2.96
CA GLN A 162 -15.82 21.36 2.21
C GLN A 162 -15.27 21.26 0.79
N GLU A 163 -14.33 22.14 0.45
CA GLU A 163 -13.72 22.14 -0.87
C GLU A 163 -12.46 21.27 -0.88
N ALA A 164 -11.86 21.12 0.29
CA ALA A 164 -10.65 20.31 0.46
C ALA A 164 -10.56 19.86 1.92
N PRO A 165 -11.42 18.91 2.33
CA PRO A 165 -11.44 18.39 3.71
C PRO A 165 -10.30 17.41 4.00
N GLY A 166 -9.81 16.78 2.94
CA GLY A 166 -8.74 15.80 3.08
C GLY A 166 -9.31 14.40 3.00
N ASN A 167 -8.45 13.41 2.85
CA ASN A 167 -8.84 12.00 2.77
C ASN A 167 -9.68 11.63 1.55
N VAL A 168 -9.77 12.53 0.57
CA VAL A 168 -10.57 12.23 -0.61
C VAL A 168 -9.99 11.08 -1.42
N GLY A 169 -8.70 10.82 -1.24
CA GLY A 169 -8.05 9.73 -1.94
C GLY A 169 -8.55 8.42 -1.37
N LEU A 170 -8.84 8.44 -0.06
CA LEU A 170 -9.36 7.28 0.64
C LEU A 170 -10.83 7.10 0.27
N LEU A 171 -11.53 8.21 0.06
CA LEU A 171 -12.94 8.17 -0.33
C LEU A 171 -13.06 7.61 -1.75
N ASP A 172 -12.05 7.86 -2.57
CA ASP A 172 -12.02 7.34 -3.95
C ASP A 172 -12.02 5.82 -3.87
N GLN A 173 -11.20 5.28 -2.97
CA GLN A 173 -11.09 3.84 -2.78
C GLN A 173 -12.43 3.29 -2.28
N ARG A 174 -13.08 4.03 -1.39
CA ARG A 174 -14.35 3.62 -0.82
C ARG A 174 -15.44 3.55 -1.89
N MET A 175 -15.42 4.51 -2.83
CA MET A 175 -16.42 4.55 -3.88
C MET A 175 -16.20 3.41 -4.88
N ALA A 176 -14.94 3.00 -5.02
CA ALA A 176 -14.60 1.90 -5.92
C ALA A 176 -15.07 0.62 -5.25
N LEU A 177 -14.91 0.56 -3.93
CA LEU A 177 -15.34 -0.60 -3.15
C LEU A 177 -16.87 -0.68 -3.16
N GLN A 178 -17.51 0.49 -3.15
CA GLN A 178 -18.96 0.59 -3.18
C GLN A 178 -19.47 0.15 -4.55
N TRP A 179 -18.68 0.43 -5.58
CA TRP A 179 -19.04 0.07 -6.94
C TRP A 179 -18.89 -1.43 -7.10
N VAL A 180 -17.91 -2.02 -6.41
CA VAL A 180 -17.67 -3.44 -6.45
C VAL A 180 -18.82 -4.14 -5.72
N HIS A 181 -19.23 -3.57 -4.59
CA HIS A 181 -20.33 -4.13 -3.81
C HIS A 181 -21.63 -4.11 -4.63
N ASP A 182 -21.83 -3.03 -5.36
CA ASP A 182 -23.03 -2.85 -6.17
C ASP A 182 -23.05 -3.58 -7.51
N ASN A 183 -21.90 -3.67 -8.19
CA ASN A 183 -21.86 -4.28 -9.52
C ASN A 183 -21.05 -5.55 -9.77
N ILE A 184 -20.17 -5.95 -8.85
CA ILE A 184 -19.35 -7.14 -9.08
C ILE A 184 -20.12 -8.42 -9.40
N GLN A 185 -21.38 -8.50 -8.98
CA GLN A 185 -22.22 -9.67 -9.22
C GLN A 185 -22.39 -9.94 -10.71
N PHE A 186 -22.53 -8.88 -11.50
CA PHE A 186 -22.71 -9.01 -12.95
C PHE A 186 -21.49 -9.58 -13.67
N PHE A 187 -20.34 -9.52 -13.00
CA PHE A 187 -19.10 -10.04 -13.56
C PHE A 187 -18.79 -11.42 -12.99
N GLY A 188 -19.75 -11.99 -12.24
CA GLY A 188 -19.58 -13.30 -11.65
C GLY A 188 -18.91 -13.32 -10.29
N GLY A 189 -18.76 -12.14 -9.70
CA GLY A 189 -18.14 -12.05 -8.39
C GLY A 189 -19.17 -12.09 -7.28
N ASP A 190 -18.73 -12.57 -6.12
CA ASP A 190 -19.58 -12.67 -4.93
C ASP A 190 -19.37 -11.42 -4.06
N PRO A 191 -20.40 -10.56 -3.97
CA PRO A 191 -20.32 -9.33 -3.16
C PRO A 191 -20.17 -9.63 -1.67
N LYS A 192 -20.55 -10.85 -1.28
CA LYS A 192 -20.48 -11.29 0.11
C LYS A 192 -19.06 -11.74 0.47
N THR A 193 -18.25 -12.01 -0.54
CA THR A 193 -16.88 -12.48 -0.31
C THR A 193 -15.87 -11.61 -1.05
N VAL A 194 -15.71 -10.38 -0.60
CA VAL A 194 -14.78 -9.43 -1.18
C VAL A 194 -13.61 -9.19 -0.24
N THR A 195 -12.40 -9.53 -0.68
CA THR A 195 -11.20 -9.32 0.13
C THR A 195 -10.41 -8.15 -0.43
N ILE A 196 -10.14 -7.16 0.41
CA ILE A 196 -9.35 -6.03 -0.04
C ILE A 196 -7.90 -6.23 0.40
N PHE A 197 -6.98 -6.10 -0.55
CA PHE A 197 -5.57 -6.26 -0.24
C PHE A 197 -4.73 -5.19 -0.90
N GLY A 198 -3.65 -4.80 -0.22
CA GLY A 198 -2.77 -3.77 -0.74
C GLY A 198 -1.38 -3.83 -0.12
N GLU A 199 -0.44 -3.13 -0.74
CA GLU A 199 0.94 -3.11 -0.24
C GLU A 199 1.38 -1.70 0.13
N SER A 200 2.14 -1.62 1.22
CA SER A 200 2.68 -0.35 1.73
C SER A 200 1.55 0.65 1.98
N ALA A 201 1.51 1.74 1.21
CA ALA A 201 0.45 2.74 1.38
C ALA A 201 -0.91 2.07 1.16
N GLY A 202 -0.91 1.04 0.31
CA GLY A 202 -2.12 0.29 0.03
C GLY A 202 -2.52 -0.58 1.20
N GLY A 203 -1.53 -1.10 1.92
CA GLY A 203 -1.78 -1.94 3.08
C GLY A 203 -2.27 -1.10 4.24
N ALA A 204 -1.80 0.15 4.29
CA ALA A 204 -2.20 1.08 5.34
C ALA A 204 -3.65 1.47 5.06
N SER A 205 -3.97 1.65 3.78
CA SER A 205 -5.31 2.00 3.32
C SER A 205 -6.29 0.91 3.74
N VAL A 206 -5.90 -0.34 3.53
CA VAL A 206 -6.73 -1.49 3.89
C VAL A 206 -7.06 -1.43 5.38
N GLY A 207 -6.04 -1.15 6.19
CA GLY A 207 -6.22 -1.04 7.63
C GLY A 207 -7.07 0.16 7.98
N MET A 208 -7.00 1.21 7.16
CA MET A 208 -7.79 2.41 7.39
C MET A 208 -9.26 2.15 7.08
N HIS A 209 -9.53 1.23 6.15
CA HIS A 209 -10.90 0.89 5.80
C HIS A 209 -11.48 -0.03 6.87
N ILE A 210 -10.60 -0.75 7.56
CA ILE A 210 -11.00 -1.66 8.63
C ILE A 210 -11.43 -0.80 9.82
N LEU A 211 -10.75 0.32 10.00
CA LEU A 211 -11.03 1.24 11.10
C LEU A 211 -12.22 2.17 10.84
N SER A 212 -12.29 2.72 9.63
CA SER A 212 -13.37 3.63 9.26
C SER A 212 -14.74 2.97 9.10
N PRO A 213 -15.72 3.37 9.93
CA PRO A 213 -17.08 2.82 9.90
C PRO A 213 -17.80 2.99 8.56
N GLY A 214 -17.43 4.03 7.82
CA GLY A 214 -18.04 4.27 6.52
C GLY A 214 -17.50 3.35 5.44
N SER A 215 -16.54 2.51 5.79
CA SER A 215 -15.95 1.59 4.83
C SER A 215 -16.07 0.11 5.22
N ARG A 216 -16.26 -0.15 6.51
CA ARG A 216 -16.36 -1.50 7.05
C ARG A 216 -17.32 -2.48 6.37
N ASP A 217 -18.52 -2.00 6.05
CA ASP A 217 -19.54 -2.87 5.45
C ASP A 217 -19.34 -3.22 3.99
N LEU A 218 -18.43 -2.51 3.31
CA LEU A 218 -18.18 -2.73 1.89
C LEU A 218 -17.28 -3.91 1.50
N PHE A 219 -16.71 -4.61 2.49
CA PHE A 219 -15.84 -5.74 2.19
C PHE A 219 -15.91 -6.81 3.27
N ARG A 220 -15.48 -8.02 2.93
CA ARG A 220 -15.50 -9.14 3.85
C ARG A 220 -14.21 -9.26 4.68
N ARG A 221 -13.11 -9.61 4.01
CA ARG A 221 -11.81 -9.79 4.66
C ARG A 221 -10.77 -8.80 4.15
N ALA A 222 -9.56 -8.89 4.69
CA ALA A 222 -8.49 -7.98 4.30
C ALA A 222 -7.08 -8.54 4.44
N ILE A 223 -6.20 -8.11 3.52
CA ILE A 223 -4.80 -8.51 3.50
C ILE A 223 -3.92 -7.25 3.46
N LEU A 224 -2.99 -7.16 4.40
CA LEU A 224 -2.09 -6.02 4.48
C LEU A 224 -0.63 -6.45 4.28
N GLN A 225 -0.01 -5.94 3.22
CA GLN A 225 1.38 -6.27 2.90
C GLN A 225 2.32 -5.08 3.14
N SER A 226 3.28 -5.25 4.05
CA SER A 226 4.25 -4.22 4.37
C SER A 226 3.61 -2.86 4.64
N GLY A 227 2.48 -2.86 5.32
CA GLY A 227 1.78 -1.63 5.61
C GLY A 227 0.79 -1.77 6.74
N SER A 228 0.58 -0.69 7.47
CA SER A 228 -0.32 -0.67 8.62
C SER A 228 -0.93 0.72 8.74
N PRO A 229 -2.18 0.83 9.22
CA PRO A 229 -2.78 2.16 9.34
C PRO A 229 -2.04 3.09 10.31
N ASN A 230 -1.39 2.53 11.31
CA ASN A 230 -0.67 3.31 12.32
C ASN A 230 0.79 3.61 12.00
N CYS A 231 1.19 3.47 10.74
CA CYS A 231 2.57 3.75 10.36
C CYS A 231 2.85 5.25 10.55
N PRO A 232 4.02 5.59 11.11
CA PRO A 232 4.40 6.99 11.35
C PRO A 232 4.30 7.93 10.14
N TRP A 233 4.31 7.36 8.95
CA TRP A 233 4.22 8.12 7.69
C TRP A 233 2.82 8.09 7.05
N ALA A 234 1.98 7.18 7.53
CA ALA A 234 0.63 7.00 6.98
C ALA A 234 -0.37 8.12 7.21
N SER A 235 -0.21 8.89 8.27
CA SER A 235 -1.15 9.97 8.56
C SER A 235 -0.58 11.14 9.37
N VAL A 236 -1.30 12.26 9.32
CA VAL A 236 -0.92 13.48 10.04
C VAL A 236 -2.15 14.09 10.70
N SER A 237 -1.91 14.98 11.67
CA SER A 237 -3.00 15.66 12.37
C SER A 237 -3.64 16.68 11.44
N VAL A 238 -4.76 17.27 11.87
CA VAL A 238 -5.44 18.27 11.06
C VAL A 238 -4.63 19.56 11.03
N ALA A 239 -3.94 19.86 12.12
CA ALA A 239 -3.11 21.05 12.22
C ALA A 239 -1.92 20.93 11.27
N GLU A 240 -1.27 19.77 11.28
CA GLU A 240 -0.12 19.53 10.42
C GLU A 240 -0.54 19.50 8.94
N GLY A 241 -1.70 18.91 8.68
CA GLY A 241 -2.21 18.85 7.32
C GLY A 241 -2.48 20.25 6.81
N ARG A 242 -3.01 21.09 7.69
CA ARG A 242 -3.31 22.48 7.36
C ARG A 242 -2.01 23.22 7.09
N ARG A 243 -1.05 23.06 8.00
CA ARG A 243 0.25 23.71 7.90
C ARG A 243 0.91 23.40 6.55
N ARG A 244 0.83 22.13 6.14
CA ARG A 244 1.41 21.69 4.87
C ARG A 244 0.66 22.25 3.67
N ALA A 245 -0.65 22.40 3.80
CA ALA A 245 -1.48 22.93 2.72
C ALA A 245 -1.16 24.41 2.51
N VAL A 246 -1.01 25.15 3.60
CA VAL A 246 -0.69 26.57 3.55
C VAL A 246 0.72 26.75 2.99
N GLU A 247 1.62 25.84 3.37
CA GLU A 247 3.00 25.89 2.90
C GLU A 247 3.06 25.62 1.40
N LEU A 248 2.18 24.74 0.92
CA LEU A 248 2.13 24.43 -0.50
C LEU A 248 1.72 25.68 -1.25
N GLY A 249 0.82 26.45 -0.64
CA GLY A 249 0.34 27.68 -1.25
C GLY A 249 1.42 28.75 -1.30
N ARG A 250 2.21 28.82 -0.24
CA ARG A 250 3.29 29.80 -0.16
C ARG A 250 4.33 29.54 -1.24
N ASN A 251 4.54 28.26 -1.57
CA ASN A 251 5.49 27.86 -2.59
C ASN A 251 5.03 28.21 -4.00
N LEU A 252 3.74 28.46 -4.16
CA LEU A 252 3.16 28.79 -5.46
C LEU A 252 2.64 30.22 -5.55
N ASN A 253 3.09 31.08 -4.65
CA ASN A 253 2.71 32.50 -4.60
C ASN A 253 1.20 32.67 -4.55
N CYS A 254 0.56 31.98 -3.61
CA CYS A 254 -0.89 32.05 -3.44
C CYS A 254 -1.30 33.04 -2.37
N ASN A 255 -2.59 33.38 -2.39
CA ASN A 255 -3.16 34.29 -1.40
C ASN A 255 -3.47 33.39 -0.21
N LEU A 256 -2.94 33.72 0.96
CA LEU A 256 -3.14 32.90 2.14
C LEU A 256 -4.06 33.48 3.21
N ASN A 257 -4.83 34.49 2.84
CA ASN A 257 -5.74 35.15 3.79
C ASN A 257 -6.94 34.32 4.23
N SER A 258 -7.29 33.33 3.42
CA SER A 258 -8.43 32.46 3.72
C SER A 258 -8.28 31.13 2.99
N ASP A 259 -9.07 30.15 3.42
CA ASP A 259 -9.06 28.84 2.79
C ASP A 259 -9.66 28.93 1.40
N GLU A 260 -10.73 29.72 1.27
CA GLU A 260 -11.41 29.91 -0.01
C GLU A 260 -10.46 30.46 -1.07
N GLU A 261 -9.51 31.27 -0.64
CA GLU A 261 -8.54 31.84 -1.57
C GLU A 261 -7.33 30.95 -1.83
N LEU A 262 -6.96 30.14 -0.83
CA LEU A 262 -5.83 29.23 -0.99
C LEU A 262 -6.21 28.15 -2.00
N ILE A 263 -7.38 27.56 -1.79
CA ILE A 263 -7.90 26.51 -2.66
C ILE A 263 -8.14 27.00 -4.08
N HIS A 264 -8.70 28.21 -4.22
CA HIS A 264 -8.96 28.77 -5.54
C HIS A 264 -7.65 28.88 -6.31
N CYS A 265 -6.59 29.27 -5.61
CA CYS A 265 -5.26 29.41 -6.21
C CYS A 265 -4.71 28.05 -6.62
N LEU A 266 -4.74 27.09 -5.70
CA LEU A 266 -4.25 25.74 -5.95
C LEU A 266 -5.02 25.03 -7.07
N ARG A 267 -6.23 25.49 -7.34
CA ARG A 267 -7.05 24.89 -8.40
C ARG A 267 -6.73 25.45 -9.78
N GLU A 268 -6.25 26.70 -9.83
CA GLU A 268 -5.90 27.33 -11.10
C GLU A 268 -4.54 26.83 -11.59
N LYS A 269 -3.70 26.40 -10.66
CA LYS A 269 -2.37 25.90 -11.00
C LYS A 269 -2.43 24.55 -11.72
N LYS A 270 -1.55 24.37 -12.70
CA LYS A 270 -1.49 23.13 -13.46
C LYS A 270 -1.00 22.00 -12.55
N PRO A 271 -1.36 20.74 -12.87
CA PRO A 271 -0.96 19.57 -12.10
C PRO A 271 0.52 19.50 -11.72
N GLN A 272 1.39 19.61 -12.71
CA GLN A 272 2.83 19.53 -12.48
C GLN A 272 3.41 20.66 -11.61
N GLU A 273 2.65 21.74 -11.45
CA GLU A 273 3.09 22.86 -10.63
C GLU A 273 3.06 22.50 -9.16
N LEU A 274 2.04 21.74 -8.76
CA LEU A 274 1.91 21.32 -7.37
C LEU A 274 2.92 20.22 -7.06
N ILE A 275 3.16 19.35 -8.03
CA ILE A 275 4.09 18.24 -7.89
C ILE A 275 5.54 18.72 -7.73
N ASP A 276 5.93 19.72 -8.52
CA ASP A 276 7.29 20.25 -8.45
C ASP A 276 7.71 20.78 -7.09
N VAL A 277 6.74 21.28 -6.31
CA VAL A 277 7.04 21.84 -4.99
C VAL A 277 6.50 20.99 -3.83
N GLU A 278 5.90 19.86 -4.18
CA GLU A 278 5.29 18.93 -3.23
C GLU A 278 6.14 18.59 -2.00
N TRP A 279 7.41 18.27 -2.22
CA TRP A 279 8.32 17.89 -1.14
C TRP A 279 8.79 19.03 -0.23
N ASN A 280 8.65 20.26 -0.70
CA ASN A 280 9.06 21.44 0.06
C ASN A 280 8.30 21.66 1.37
N VAL A 281 7.15 20.99 1.53
CA VAL A 281 6.32 21.15 2.71
C VAL A 281 6.62 20.23 3.90
N LEU A 282 7.54 19.28 3.73
CA LEU A 282 7.90 18.38 4.82
C LEU A 282 8.43 19.23 5.97
N PRO A 283 7.98 18.96 7.21
CA PRO A 283 8.42 19.73 8.38
C PRO A 283 9.88 19.49 8.77
N PHE A 284 10.37 18.28 8.52
CA PHE A 284 11.73 17.93 8.87
C PHE A 284 12.51 17.34 7.69
N ASP A 285 13.83 17.27 7.87
CA ASP A 285 14.72 16.67 6.89
C ASP A 285 14.62 15.19 7.27
N SER A 286 14.03 14.39 6.40
CA SER A 286 13.82 12.99 6.72
C SER A 286 13.67 12.05 5.54
N ILE A 287 13.58 10.76 5.86
CA ILE A 287 13.37 9.73 4.86
C ILE A 287 12.11 8.97 5.27
N PHE A 288 11.45 8.32 4.31
CA PHE A 288 10.22 7.57 4.54
C PHE A 288 9.13 8.48 5.12
N ARG A 289 9.06 9.69 4.58
CA ARG A 289 8.06 10.68 4.97
C ARG A 289 7.54 11.32 3.70
N PHE A 290 6.22 11.43 3.60
CA PHE A 290 5.56 11.97 2.42
C PHE A 290 4.65 13.13 2.79
N SER A 291 4.57 14.10 1.89
CA SER A 291 3.78 15.32 2.10
C SER A 291 2.27 15.19 2.40
N PHE A 292 1.49 14.81 1.40
CA PHE A 292 0.06 14.70 1.56
C PHE A 292 -0.43 13.28 1.77
N VAL A 293 -0.76 12.99 3.03
CA VAL A 293 -1.22 11.70 3.46
C VAL A 293 -2.54 11.86 4.24
N PRO A 294 -3.23 10.74 4.56
CA PRO A 294 -4.49 10.77 5.30
C PRO A 294 -4.40 11.56 6.61
N VAL A 295 -5.45 12.29 6.94
CA VAL A 295 -5.50 13.07 8.17
C VAL A 295 -6.51 12.52 9.17
N ILE A 296 -6.25 12.72 10.45
CA ILE A 296 -7.15 12.28 11.52
C ILE A 296 -8.17 13.40 11.68
N ASP A 297 -9.16 13.40 10.79
CA ASP A 297 -10.20 14.43 10.74
C ASP A 297 -11.35 14.36 11.74
N GLY A 298 -11.66 13.17 12.23
CA GLY A 298 -12.77 13.04 13.16
C GLY A 298 -14.01 12.54 12.44
N GLU A 299 -13.89 12.39 11.12
CA GLU A 299 -14.97 11.91 10.28
C GLU A 299 -14.63 10.51 9.75
N PHE A 300 -13.65 10.45 8.84
CA PHE A 300 -13.20 9.18 8.27
C PHE A 300 -12.66 8.33 9.42
N PHE A 301 -11.97 9.02 10.34
CA PHE A 301 -11.41 8.38 11.52
C PHE A 301 -12.09 9.11 12.69
N PRO A 302 -13.03 8.45 13.38
CA PRO A 302 -13.76 9.01 14.52
C PRO A 302 -12.88 9.66 15.59
N THR A 303 -11.82 8.94 15.98
CA THR A 303 -10.86 9.42 16.98
C THR A 303 -9.46 8.98 16.57
N SER A 304 -8.47 9.15 17.46
CA SER A 304 -7.09 8.75 17.18
C SER A 304 -7.03 7.26 16.84
N LEU A 305 -6.13 6.90 15.92
CA LEU A 305 -5.98 5.50 15.50
C LEU A 305 -5.69 4.57 16.68
N GLU A 306 -4.91 5.07 17.64
CA GLU A 306 -4.54 4.29 18.82
C GLU A 306 -5.73 4.05 19.72
N SER A 307 -6.53 5.10 19.98
CA SER A 307 -7.71 4.97 20.83
C SER A 307 -8.73 4.02 20.18
N MET A 308 -8.80 4.05 18.85
CA MET A 308 -9.72 3.17 18.12
C MET A 308 -9.23 1.73 18.24
N LEU A 309 -7.92 1.53 18.10
CA LEU A 309 -7.33 0.20 18.21
C LEU A 309 -7.48 -0.37 19.62
N ASN A 310 -7.40 0.49 20.62
CA ASN A 310 -7.54 0.07 22.02
C ASN A 310 -8.96 -0.33 22.38
N SER A 311 -9.94 0.44 21.91
CA SER A 311 -11.34 0.20 22.21
C SER A 311 -12.01 -0.86 21.34
N GLY A 312 -11.29 -1.34 20.33
CA GLY A 312 -11.86 -2.35 19.45
C GLY A 312 -12.84 -1.73 18.46
N ASN A 313 -12.65 -0.44 18.20
CA ASN A 313 -13.50 0.31 17.29
C ASN A 313 -13.02 0.08 15.85
N PHE A 314 -13.33 -1.11 15.33
CA PHE A 314 -12.95 -1.48 13.97
C PHE A 314 -13.69 -2.74 13.54
N LYS A 315 -13.64 -3.04 12.26
CA LYS A 315 -14.30 -4.21 11.71
C LYS A 315 -13.68 -5.50 12.21
N LYS A 316 -14.53 -6.36 12.78
CA LYS A 316 -14.11 -7.66 13.30
C LYS A 316 -14.24 -8.68 12.18
N THR A 317 -13.11 -9.21 11.72
CA THR A 317 -13.08 -10.18 10.64
C THR A 317 -11.71 -10.86 10.63
N GLN A 318 -11.35 -11.53 9.54
CA GLN A 318 -10.05 -12.18 9.45
C GLN A 318 -9.09 -11.33 8.65
N ILE A 319 -7.83 -11.30 9.07
CA ILE A 319 -6.80 -10.54 8.37
C ILE A 319 -5.56 -11.39 8.14
N LEU A 320 -4.90 -11.14 7.02
CA LEU A 320 -3.67 -11.83 6.68
C LEU A 320 -2.70 -10.70 6.32
N LEU A 321 -1.61 -10.61 7.07
CA LEU A 321 -0.63 -9.56 6.86
C LEU A 321 0.78 -10.04 7.17
N GLY A 322 1.75 -9.22 6.79
CA GLY A 322 3.14 -9.57 7.04
C GLY A 322 4.07 -8.51 6.52
N VAL A 323 5.38 -8.77 6.65
CA VAL A 323 6.40 -7.83 6.21
C VAL A 323 7.56 -8.52 5.49
N ASN A 324 8.36 -7.73 4.79
CA ASN A 324 9.54 -8.25 4.10
C ASN A 324 10.72 -8.08 5.06
N LYS A 325 11.79 -8.85 4.82
CA LYS A 325 12.96 -8.80 5.67
C LYS A 325 13.72 -7.46 5.73
N ASP A 326 13.94 -6.84 4.58
CA ASP A 326 14.67 -5.57 4.52
C ASP A 326 13.83 -4.45 3.90
N GLU A 327 12.91 -3.92 4.71
CA GLU A 327 12.00 -2.85 4.28
C GLU A 327 12.60 -1.46 4.13
N GLY A 328 13.62 -1.16 4.94
CA GLY A 328 14.23 0.16 4.88
C GLY A 328 15.23 0.51 3.80
N SER A 329 15.82 -0.49 3.15
CA SER A 329 16.83 -0.26 2.11
C SER A 329 16.46 0.72 1.01
N PHE A 330 15.25 0.60 0.48
CA PHE A 330 14.76 1.46 -0.61
C PHE A 330 14.85 2.95 -0.27
N PHE A 331 14.54 3.27 0.98
CA PHE A 331 14.52 4.65 1.45
C PHE A 331 15.89 5.23 1.81
N LEU A 332 16.81 4.35 2.20
CA LEU A 332 18.16 4.78 2.54
C LEU A 332 18.91 5.08 1.25
N LEU A 333 18.58 4.34 0.20
CA LEU A 333 19.20 4.52 -1.11
C LEU A 333 18.80 5.85 -1.73
N TYR A 334 17.59 6.32 -1.42
CA TYR A 334 17.10 7.56 -1.98
C TYR A 334 17.35 8.84 -1.19
N GLY A 335 17.71 8.74 0.09
CA GLY A 335 17.91 9.96 0.85
C GLY A 335 18.98 9.99 1.93
N ALA A 336 19.54 8.83 2.27
CA ALA A 336 20.58 8.78 3.29
C ALA A 336 21.98 8.86 2.70
N PRO A 337 22.85 9.69 3.28
CA PRO A 337 24.23 9.86 2.81
C PRO A 337 25.08 8.59 2.97
N GLY A 338 25.80 8.22 1.91
CA GLY A 338 26.64 7.05 1.96
C GLY A 338 26.09 5.86 1.19
N PHE A 339 24.84 5.99 0.75
CA PHE A 339 24.17 4.93 -0.01
C PHE A 339 24.10 5.26 -1.49
N SER A 340 24.34 4.25 -2.30
CA SER A 340 24.28 4.37 -3.76
C SER A 340 23.95 3.01 -4.37
N LYS A 341 23.26 3.04 -5.49
CA LYS A 341 22.84 1.84 -6.19
C LYS A 341 23.97 0.94 -6.65
N ASP A 342 25.10 1.55 -7.04
CA ASP A 342 26.21 0.77 -7.57
C ASP A 342 27.40 0.45 -6.67
N SER A 343 27.35 0.83 -5.41
CA SER A 343 28.43 0.53 -4.48
C SER A 343 27.86 -0.38 -3.39
N GLU A 344 28.73 -1.09 -2.68
CA GLU A 344 28.32 -1.99 -1.59
C GLU A 344 27.69 -1.18 -0.46
N SER A 345 27.84 0.14 -0.53
CA SER A 345 27.32 1.08 0.44
C SER A 345 27.67 0.78 1.90
N LYS A 346 28.96 0.61 2.16
CA LYS A 346 29.43 0.35 3.52
C LYS A 346 29.35 1.72 4.21
N ILE A 347 28.64 1.76 5.32
CA ILE A 347 28.43 3.00 6.06
C ILE A 347 29.40 3.31 7.19
N SER A 348 29.90 4.54 7.19
CA SER A 348 30.83 5.01 8.21
C SER A 348 30.05 5.42 9.46
N ARG A 349 30.75 5.48 10.59
CA ARG A 349 30.15 5.86 11.85
C ARG A 349 29.47 7.23 11.73
N GLU A 350 30.09 8.13 10.99
CA GLU A 350 29.56 9.48 10.79
C GLU A 350 28.26 9.45 9.98
N ASP A 351 28.22 8.61 8.94
CA ASP A 351 27.04 8.50 8.09
C ASP A 351 25.91 7.75 8.80
N PHE A 352 26.27 6.89 9.73
CA PHE A 352 25.30 6.12 10.50
C PHE A 352 24.49 7.07 11.38
N MET A 353 25.20 7.93 12.10
CA MET A 353 24.59 8.92 12.99
C MET A 353 23.68 9.85 12.18
N SER A 354 24.08 10.15 10.95
CA SER A 354 23.30 11.00 10.06
C SER A 354 22.05 10.27 9.60
N GLY A 355 22.20 8.96 9.38
CA GLY A 355 21.08 8.14 8.94
C GLY A 355 20.01 8.06 10.01
N VAL A 356 20.44 7.94 11.27
CA VAL A 356 19.50 7.86 12.40
C VAL A 356 18.66 9.13 12.49
N LYS A 357 19.31 10.28 12.31
CA LYS A 357 18.66 11.58 12.37
C LYS A 357 17.51 11.65 11.35
N LEU A 358 17.77 11.18 10.13
CA LEU A 358 16.79 11.19 9.06
C LEU A 358 15.67 10.17 9.25
N SER A 359 16.00 9.04 9.88
CA SER A 359 15.05 7.97 10.10
C SER A 359 14.01 8.24 11.18
N VAL A 360 14.40 8.99 12.20
CA VAL A 360 13.52 9.34 13.30
C VAL A 360 13.54 10.86 13.46
N PRO A 361 12.94 11.58 12.49
CA PRO A 361 12.90 13.05 12.49
C PRO A 361 12.26 13.70 13.72
N HIS A 362 11.18 13.11 14.23
CA HIS A 362 10.47 13.64 15.39
C HIS A 362 11.13 13.31 16.74
N ALA A 363 12.42 12.98 16.70
CA ALA A 363 13.15 12.64 17.93
C ALA A 363 14.19 13.67 18.36
N ASN A 364 14.40 13.74 19.67
CA ASN A 364 15.38 14.65 20.26
C ASN A 364 16.73 13.92 20.39
N ASP A 365 17.71 14.55 21.04
CA ASP A 365 19.03 13.94 21.20
C ASP A 365 19.07 12.66 22.03
N LEU A 366 18.30 12.61 23.11
CA LEU A 366 18.26 11.42 23.95
C LEU A 366 17.65 10.28 23.14
N GLY A 367 16.64 10.61 22.35
CA GLY A 367 15.99 9.63 21.50
C GLY A 367 16.93 9.11 20.44
N LEU A 368 17.74 10.00 19.87
CA LEU A 368 18.71 9.62 18.85
C LEU A 368 19.77 8.69 19.43
N ASP A 369 20.17 8.98 20.66
CA ASP A 369 21.15 8.16 21.36
C ASP A 369 20.55 6.81 21.71
N ALA A 370 19.26 6.82 22.05
CA ALA A 370 18.54 5.60 22.40
C ALA A 370 18.46 4.67 21.21
N VAL A 371 18.16 5.22 20.04
CA VAL A 371 18.05 4.44 18.81
C VAL A 371 19.41 3.85 18.45
N THR A 372 20.44 4.68 18.54
CA THR A 372 21.81 4.27 18.23
C THR A 372 22.26 3.14 19.17
N LEU A 373 21.98 3.30 20.46
CA LEU A 373 22.35 2.30 21.45
C LEU A 373 21.70 0.96 21.11
N GLN A 374 20.43 1.02 20.73
CA GLN A 374 19.65 -0.16 20.38
C GLN A 374 20.18 -0.95 19.18
N TYR A 375 20.74 -0.25 18.21
CA TYR A 375 21.25 -0.89 17.01
C TYR A 375 22.77 -0.90 16.84
N THR A 376 23.52 -0.67 17.91
CA THR A 376 24.97 -0.65 17.81
C THR A 376 25.70 -1.73 18.56
N ASP A 377 26.67 -2.33 17.88
CA ASP A 377 27.52 -3.36 18.44
C ASP A 377 28.80 -2.62 18.83
N TRP A 378 28.92 -2.29 20.11
CA TRP A 378 30.08 -1.55 20.61
C TRP A 378 31.39 -2.35 20.61
N MET A 379 31.28 -3.65 20.36
CA MET A 379 32.44 -4.53 20.30
C MET A 379 33.10 -4.37 18.92
N ASP A 380 32.36 -3.77 17.99
CA ASP A 380 32.83 -3.57 16.62
C ASP A 380 31.98 -2.45 16.00
N ASP A 381 32.14 -1.23 16.52
CA ASP A 381 31.38 -0.07 16.07
C ASP A 381 31.74 0.56 14.71
N ASN A 382 32.96 0.30 14.22
CA ASN A 382 33.38 0.86 12.94
C ASN A 382 33.21 -0.09 11.75
N ASN A 383 32.31 -1.06 11.90
CA ASN A 383 32.03 -2.03 10.85
C ASN A 383 31.07 -1.41 9.82
N GLY A 384 31.53 -1.31 8.58
CA GLY A 384 30.73 -0.73 7.51
C GLY A 384 29.49 -1.51 7.13
N ILE A 385 29.58 -2.84 7.15
CA ILE A 385 28.45 -3.69 6.81
C ILE A 385 27.42 -3.72 7.94
N LYS A 386 27.89 -3.70 9.19
CA LYS A 386 27.00 -3.71 10.34
C LYS A 386 26.24 -2.39 10.47
N ASN A 387 26.91 -1.29 10.11
CA ASN A 387 26.30 0.02 10.17
C ASN A 387 25.25 0.16 9.06
N ARG A 388 25.53 -0.41 7.90
CA ARG A 388 24.61 -0.36 6.77
C ARG A 388 23.36 -1.18 7.09
N ASP A 389 23.57 -2.41 7.52
CA ASP A 389 22.47 -3.31 7.87
C ASP A 389 21.67 -2.86 9.07
N GLY A 390 22.35 -2.24 10.04
CA GLY A 390 21.70 -1.75 11.24
C GLY A 390 20.76 -0.60 10.92
N LEU A 391 21.18 0.22 9.97
CA LEU A 391 20.40 1.39 9.54
C LEU A 391 19.19 0.93 8.71
N ASP A 392 19.35 -0.19 8.02
CA ASP A 392 18.29 -0.77 7.20
C ASP A 392 17.21 -1.28 8.17
N ASP A 393 17.63 -1.89 9.26
CA ASP A 393 16.71 -2.42 10.27
C ASP A 393 15.97 -1.30 10.98
N ILE A 394 16.67 -0.18 11.22
CA ILE A 394 16.07 0.98 11.88
C ILE A 394 14.89 1.54 11.08
N VAL A 395 15.12 1.75 9.79
CA VAL A 395 14.09 2.30 8.90
C VAL A 395 12.92 1.34 8.73
N GLY A 396 13.22 0.05 8.55
CA GLY A 396 12.18 -0.94 8.38
C GLY A 396 11.36 -1.19 9.62
N ASP A 397 12.02 -1.27 10.77
CA ASP A 397 11.33 -1.51 12.03
C ASP A 397 10.48 -0.33 12.45
N HIS A 398 11.05 0.87 12.37
CA HIS A 398 10.34 2.08 12.75
C HIS A 398 9.15 2.40 11.83
N ASN A 399 9.34 2.24 10.53
CA ASN A 399 8.32 2.56 9.56
C ASN A 399 7.34 1.47 9.11
N VAL A 400 7.76 0.21 9.15
CA VAL A 400 6.88 -0.86 8.69
C VAL A 400 6.65 -2.00 9.67
N ILE A 401 7.70 -2.75 9.96
CA ILE A 401 7.60 -3.92 10.84
C ILE A 401 6.97 -3.69 12.21
N CYS A 402 7.54 -2.78 13.01
CA CYS A 402 6.98 -2.54 14.34
C CYS A 402 5.58 -1.97 14.38
N PRO A 403 5.30 -0.91 13.58
CA PRO A 403 3.93 -0.40 13.63
C PRO A 403 2.94 -1.49 13.23
N LEU A 404 3.35 -2.35 12.29
CA LEU A 404 2.49 -3.45 11.85
C LEU A 404 2.30 -4.44 12.98
N MET A 405 3.38 -4.73 13.71
CA MET A 405 3.32 -5.67 14.83
C MET A 405 2.42 -5.13 15.94
N HIS A 406 2.35 -3.81 16.07
CA HIS A 406 1.51 -3.18 17.07
C HIS A 406 0.05 -3.40 16.65
N PHE A 407 -0.23 -3.11 15.38
CA PHE A 407 -1.58 -3.28 14.83
C PHE A 407 -2.02 -4.74 14.93
N VAL A 408 -1.09 -5.67 14.68
CA VAL A 408 -1.39 -7.10 14.74
C VAL A 408 -1.84 -7.51 16.13
N ASN A 409 -1.07 -7.13 17.15
CA ASN A 409 -1.38 -7.47 18.52
C ASN A 409 -2.67 -6.82 19.03
N LYS A 410 -2.92 -5.58 18.60
CA LYS A 410 -4.12 -4.86 19.03
C LYS A 410 -5.36 -5.42 18.34
N TYR A 411 -5.24 -5.73 17.06
CA TYR A 411 -6.36 -6.26 16.29
C TYR A 411 -6.78 -7.66 16.71
N THR A 412 -5.80 -8.55 16.87
CA THR A 412 -6.04 -9.93 17.23
C THR A 412 -6.88 -10.09 18.51
N LYS A 413 -6.78 -9.13 19.43
CA LYS A 413 -7.52 -9.18 20.67
C LYS A 413 -9.04 -9.16 20.46
N PHE A 414 -9.49 -8.42 19.45
CA PHE A 414 -10.91 -8.32 19.12
C PHE A 414 -11.26 -9.00 17.81
N GLY A 415 -10.24 -9.32 17.02
CA GLY A 415 -10.44 -9.94 15.72
C GLY A 415 -11.05 -11.33 15.69
N ASN A 416 -11.16 -11.87 14.49
CA ASN A 416 -11.73 -13.19 14.27
C ASN A 416 -10.79 -14.15 13.55
N GLY A 417 -9.52 -13.78 13.45
CA GLY A 417 -8.56 -14.64 12.79
C GLY A 417 -7.43 -13.85 12.17
N THR A 418 -6.21 -14.14 12.60
CA THR A 418 -5.03 -13.44 12.10
C THR A 418 -3.98 -14.43 11.60
N TYR A 419 -3.38 -14.11 10.47
CA TYR A 419 -2.32 -14.92 9.87
C TYR A 419 -1.16 -14.00 9.53
N LEU A 420 -0.02 -14.21 10.18
CA LEU A 420 1.17 -13.39 9.96
C LEU A 420 2.30 -14.10 9.20
N TYR A 421 2.94 -13.38 8.28
CA TYR A 421 4.05 -13.94 7.50
C TYR A 421 5.28 -13.04 7.53
N PHE A 422 6.42 -13.63 7.19
CA PHE A 422 7.68 -12.91 7.13
C PHE A 422 8.36 -13.30 5.82
N PHE A 423 8.11 -12.50 4.78
CA PHE A 423 8.68 -12.76 3.46
C PHE A 423 10.17 -12.41 3.48
N ASN A 424 11.01 -13.43 3.41
CA ASN A 424 12.46 -13.22 3.43
C ASN A 424 13.21 -13.91 2.30
N HIS A 425 12.64 -13.91 1.11
CA HIS A 425 13.30 -14.51 -0.03
C HIS A 425 13.71 -13.44 -1.03
N ARG A 426 14.97 -13.48 -1.46
CA ARG A 426 15.46 -12.53 -2.45
C ARG A 426 15.35 -13.13 -3.85
N ALA A 427 14.60 -12.47 -4.72
CA ALA A 427 14.42 -12.92 -6.10
C ALA A 427 15.77 -12.96 -6.80
N SER A 428 16.05 -14.10 -7.43
CA SER A 428 17.31 -14.33 -8.15
C SER A 428 17.55 -13.37 -9.31
N ASN A 429 16.47 -12.83 -9.88
CA ASN A 429 16.56 -11.91 -11.01
C ASN A 429 16.39 -10.44 -10.62
N LEU A 430 16.46 -10.16 -9.32
CA LEU A 430 16.31 -8.81 -8.80
C LEU A 430 17.45 -7.91 -9.30
N VAL A 431 17.10 -6.83 -9.99
CA VAL A 431 18.08 -5.90 -10.54
C VAL A 431 18.79 -4.97 -9.55
N TRP A 432 18.22 -4.81 -8.36
CA TRP A 432 18.82 -3.96 -7.34
C TRP A 432 20.03 -4.65 -6.70
N PRO A 433 20.98 -3.87 -6.14
CA PRO A 433 22.18 -4.42 -5.51
C PRO A 433 21.88 -5.34 -4.32
N GLU A 434 22.76 -6.32 -4.11
CA GLU A 434 22.62 -7.30 -3.03
C GLU A 434 22.45 -6.71 -1.63
N TRP A 435 23.06 -5.55 -1.39
CA TRP A 435 22.98 -4.92 -0.08
C TRP A 435 21.57 -4.52 0.36
N MET A 436 20.67 -4.39 -0.59
CA MET A 436 19.28 -4.03 -0.31
C MET A 436 18.45 -5.23 0.18
N GLY A 437 18.94 -6.45 -0.11
CA GLY A 437 18.26 -7.67 0.30
C GLY A 437 16.85 -7.87 -0.21
N VAL A 438 15.95 -8.29 0.68
CA VAL A 438 14.54 -8.52 0.36
C VAL A 438 13.85 -7.17 0.49
N ILE A 439 13.84 -6.44 -0.61
CA ILE A 439 13.30 -5.08 -0.70
C ILE A 439 11.79 -4.88 -0.57
N HIS A 440 11.44 -3.71 -0.04
CA HIS A 440 10.07 -3.25 0.17
C HIS A 440 9.31 -3.26 -1.15
N GLY A 441 8.34 -4.15 -1.26
CA GLY A 441 7.54 -4.25 -2.47
C GLY A 441 7.88 -5.40 -3.39
N TYR A 442 8.90 -6.17 -3.06
CA TYR A 442 9.30 -7.29 -3.91
C TYR A 442 8.71 -8.66 -3.59
N GLU A 443 7.55 -8.65 -2.95
CA GLU A 443 6.81 -9.87 -2.64
C GLU A 443 5.58 -9.82 -3.55
N ILE A 444 5.29 -8.60 -4.03
CA ILE A 444 4.16 -8.34 -4.91
C ILE A 444 4.22 -9.22 -6.14
N GLU A 445 5.40 -9.32 -6.73
CA GLU A 445 5.57 -10.15 -7.92
C GLU A 445 5.21 -11.61 -7.66
N PHE A 446 5.37 -12.04 -6.41
CA PHE A 446 5.02 -13.41 -6.03
C PHE A 446 3.53 -13.53 -5.76
N VAL A 447 2.93 -12.45 -5.27
CA VAL A 447 1.49 -12.41 -4.99
C VAL A 447 0.72 -12.41 -6.30
N PHE A 448 1.23 -11.67 -7.29
CA PHE A 448 0.58 -11.59 -8.60
C PHE A 448 1.02 -12.68 -9.60
N GLY A 449 1.79 -13.64 -9.11
CA GLY A 449 2.22 -14.76 -9.93
C GLY A 449 3.14 -14.51 -11.12
N LEU A 450 3.97 -13.47 -11.05
CA LEU A 450 4.91 -13.18 -12.12
C LEU A 450 5.88 -14.33 -12.41
N PRO A 451 6.30 -15.08 -11.36
CA PRO A 451 7.22 -16.21 -11.56
C PRO A 451 6.71 -17.31 -12.49
N LEU A 452 5.41 -17.35 -12.75
CA LEU A 452 4.83 -18.37 -13.63
C LEU A 452 5.19 -18.07 -15.08
N VAL A 453 5.42 -16.79 -15.38
CA VAL A 453 5.78 -16.36 -16.73
C VAL A 453 7.26 -16.64 -16.97
N LYS A 454 7.54 -17.69 -17.72
CA LYS A 454 8.89 -18.13 -18.04
C LYS A 454 9.83 -17.05 -18.58
N GLU A 455 9.29 -16.16 -19.42
CA GLU A 455 10.07 -15.08 -20.03
C GLU A 455 10.64 -14.08 -19.02
N LEU A 456 10.30 -14.24 -17.74
CA LEU A 456 10.78 -13.33 -16.71
C LEU A 456 12.01 -13.77 -15.93
N ASN A 457 12.62 -14.87 -16.36
CA ASN A 457 13.85 -15.40 -15.75
C ASN A 457 13.78 -15.80 -14.27
N TYR A 458 12.65 -16.32 -13.80
CA TYR A 458 12.55 -16.75 -12.40
C TYR A 458 12.96 -18.23 -12.31
N THR A 459 13.32 -18.68 -11.11
CA THR A 459 13.71 -20.08 -10.93
C THR A 459 12.47 -20.95 -10.73
N ALA A 460 12.68 -22.26 -10.70
CA ALA A 460 11.58 -23.22 -10.51
C ALA A 460 10.96 -23.08 -9.12
N GLU A 461 11.81 -23.00 -8.10
CA GLU A 461 11.32 -22.86 -6.72
C GLU A 461 10.61 -21.54 -6.49
N GLU A 462 10.95 -20.52 -7.28
CA GLU A 462 10.31 -19.22 -7.16
C GLU A 462 8.91 -19.28 -7.76
N GLU A 463 8.71 -20.22 -8.68
CA GLU A 463 7.40 -20.40 -9.29
C GLU A 463 6.54 -21.16 -8.28
N ALA A 464 7.16 -22.14 -7.62
CA ALA A 464 6.48 -22.95 -6.62
C ALA A 464 6.07 -22.08 -5.45
N LEU A 465 6.92 -21.12 -5.11
CA LEU A 465 6.66 -20.20 -4.01
C LEU A 465 5.50 -19.28 -4.40
N SER A 466 5.58 -18.69 -5.59
CA SER A 466 4.53 -17.80 -6.07
C SER A 466 3.18 -18.51 -6.10
N ARG A 467 3.17 -19.78 -6.51
CA ARG A 467 1.94 -20.56 -6.56
C ARG A 467 1.40 -20.86 -5.17
N ARG A 468 2.33 -21.02 -4.22
CA ARG A 468 1.98 -21.30 -2.84
C ARG A 468 1.37 -20.06 -2.20
N ILE A 469 1.98 -18.91 -2.48
CA ILE A 469 1.52 -17.63 -1.96
C ILE A 469 0.18 -17.27 -2.58
N MET A 470 0.08 -17.37 -3.90
CA MET A 470 -1.16 -17.04 -4.59
C MET A 470 -2.32 -17.86 -4.02
N HIS A 471 -2.03 -19.13 -3.72
CA HIS A 471 -3.06 -20.01 -3.19
C HIS A 471 -3.40 -19.66 -1.73
N TYR A 472 -2.42 -19.17 -0.98
CA TYR A 472 -2.68 -18.78 0.41
C TYR A 472 -3.63 -17.60 0.40
N TRP A 473 -3.27 -16.60 -0.41
CA TRP A 473 -4.06 -15.38 -0.57
C TRP A 473 -5.49 -15.66 -1.04
N ALA A 474 -5.62 -16.46 -2.09
CA ALA A 474 -6.92 -16.81 -2.66
C ALA A 474 -7.78 -17.66 -1.73
N THR A 475 -7.17 -18.66 -1.11
CA THR A 475 -7.89 -19.54 -0.20
C THR A 475 -8.34 -18.76 1.04
N PHE A 476 -7.52 -17.83 1.49
CA PHE A 476 -7.86 -17.00 2.65
C PHE A 476 -9.03 -16.09 2.28
N ALA A 477 -8.96 -15.49 1.11
CA ALA A 477 -10.01 -14.59 0.63
C ALA A 477 -11.34 -15.31 0.53
N LYS A 478 -11.29 -16.57 0.08
CA LYS A 478 -12.47 -17.39 -0.09
C LYS A 478 -13.06 -17.91 1.21
N THR A 479 -12.20 -18.38 2.12
CA THR A 479 -12.66 -18.95 3.38
C THR A 479 -12.37 -18.18 4.67
N GLY A 480 -11.21 -17.55 4.74
CA GLY A 480 -10.82 -16.82 5.93
C GLY A 480 -9.66 -17.56 6.59
N ASN A 481 -9.18 -18.58 5.88
CA ASN A 481 -8.07 -19.43 6.32
C ASN A 481 -7.27 -19.75 5.05
N PRO A 482 -5.97 -19.39 5.03
CA PRO A 482 -5.09 -19.64 3.88
C PRO A 482 -4.82 -21.12 3.65
N ASN A 483 -5.08 -21.94 4.66
CA ASN A 483 -4.87 -23.38 4.59
C ASN A 483 -6.03 -24.13 3.96
N GLU A 484 -5.68 -25.07 3.09
CA GLU A 484 -6.65 -25.91 2.40
C GLU A 484 -7.20 -26.90 3.43
N PRO A 485 -8.53 -26.97 3.58
CA PRO A 485 -9.14 -27.91 4.54
C PRO A 485 -8.79 -29.36 4.23
N HIS A 486 -8.29 -30.06 5.24
CA HIS A 486 -7.90 -31.47 5.13
C HIS A 486 -6.82 -31.71 4.07
N SER A 487 -5.84 -30.81 4.03
CA SER A 487 -4.72 -30.93 3.10
C SER A 487 -3.57 -31.66 3.78
N GLN A 488 -2.63 -32.17 2.99
CA GLN A 488 -1.48 -32.88 3.54
C GLN A 488 -0.25 -32.00 3.71
N GLU A 489 -0.34 -30.76 3.24
CA GLU A 489 0.77 -29.82 3.33
C GLU A 489 0.93 -29.28 4.75
N SER A 490 1.99 -28.50 4.97
CA SER A 490 2.27 -27.91 6.28
C SER A 490 1.23 -26.83 6.60
N LYS A 491 0.78 -26.79 7.85
CA LYS A 491 -0.22 -25.82 8.26
C LYS A 491 0.33 -24.50 8.78
N TRP A 492 -0.20 -23.40 8.25
CA TRP A 492 0.18 -22.04 8.64
C TRP A 492 -0.60 -21.76 9.91
N PRO A 493 0.09 -21.64 11.05
CA PRO A 493 -0.54 -21.38 12.35
C PRO A 493 -1.33 -20.08 12.42
N LEU A 494 -2.36 -20.09 13.26
CA LEU A 494 -3.18 -18.92 13.48
C LEU A 494 -2.42 -18.08 14.51
N PHE A 495 -2.36 -16.77 14.30
CA PHE A 495 -1.70 -15.87 15.22
C PHE A 495 -2.65 -15.53 16.36
N THR A 496 -2.26 -15.90 17.57
CA THR A 496 -3.07 -15.63 18.77
C THR A 496 -2.31 -14.71 19.73
N THR A 497 -3.10 -14.04 20.56
CA THR A 497 -2.60 -13.07 21.54
C THR A 497 -1.58 -13.68 22.50
N LYS A 498 -1.70 -14.98 22.68
CA LYS A 498 -0.85 -15.74 23.61
C LYS A 498 0.42 -16.28 22.95
N GLU A 499 0.23 -17.16 21.97
CA GLU A 499 1.34 -17.79 21.26
C GLU A 499 2.10 -16.84 20.33
N GLN A 500 1.34 -16.02 19.58
CA GLN A 500 1.92 -15.05 18.65
C GLN A 500 2.77 -15.68 17.54
N LYS A 501 2.24 -16.72 16.92
CA LYS A 501 2.95 -17.43 15.85
C LYS A 501 2.84 -16.79 14.47
N PHE A 502 3.86 -17.04 13.66
CA PHE A 502 3.94 -16.56 12.29
C PHE A 502 4.82 -17.51 11.48
N ILE A 503 4.89 -17.31 10.17
CA ILE A 503 5.72 -18.19 9.34
C ILE A 503 6.61 -17.41 8.39
N ASP A 504 7.64 -18.07 7.89
CA ASP A 504 8.55 -17.48 6.93
C ASP A 504 7.98 -17.83 5.56
N LEU A 505 8.02 -16.88 4.65
CA LEU A 505 7.51 -17.11 3.31
C LEU A 505 8.68 -17.10 2.32
N ASN A 506 9.32 -18.25 2.17
CA ASN A 506 10.44 -18.40 1.25
C ASN A 506 10.41 -19.72 0.49
N THR A 507 11.50 -20.04 -0.19
CA THR A 507 11.59 -21.27 -0.99
C THR A 507 11.87 -22.55 -0.19
N GLU A 508 12.29 -22.40 1.07
CA GLU A 508 12.57 -23.55 1.93
C GLU A 508 11.28 -24.04 2.60
N PRO A 509 11.28 -25.28 3.13
CA PRO A 509 10.09 -25.82 3.79
C PRO A 509 9.61 -24.90 4.92
N MET A 510 8.29 -24.74 5.02
CA MET A 510 7.69 -23.88 6.04
C MET A 510 8.25 -24.06 7.43
N LYS A 511 8.60 -22.95 8.06
CA LYS A 511 9.14 -22.95 9.42
C LYS A 511 8.30 -21.97 10.24
N VAL A 512 7.93 -22.38 11.45
CA VAL A 512 7.11 -21.55 12.33
C VAL A 512 7.92 -20.91 13.45
N HIS A 513 7.67 -19.62 13.68
CA HIS A 513 8.36 -18.86 14.73
C HIS A 513 7.34 -18.13 15.60
N GLN A 514 7.84 -17.40 16.60
CA GLN A 514 6.99 -16.65 17.52
C GLN A 514 7.56 -15.28 17.82
N ARG A 515 6.68 -14.35 18.18
CA ARG A 515 7.06 -12.98 18.54
C ARG A 515 7.99 -12.29 17.53
N LEU A 516 7.44 -11.98 16.36
CA LEU A 516 8.19 -11.34 15.28
C LEU A 516 8.82 -10.02 15.71
N ARG A 517 10.15 -10.03 15.80
CA ARG A 517 10.97 -8.88 16.19
C ARG A 517 10.50 -8.15 17.44
N VAL A 518 10.22 -8.89 18.51
CA VAL A 518 9.78 -8.29 19.77
C VAL A 518 10.84 -7.41 20.41
N GLN A 519 12.09 -7.86 20.36
CA GLN A 519 13.21 -7.13 20.94
C GLN A 519 13.21 -5.69 20.45
N MET A 520 13.23 -5.53 19.14
CA MET A 520 13.25 -4.20 18.53
C MET A 520 11.91 -3.46 18.64
N CYS A 521 10.81 -4.19 18.51
CA CYS A 521 9.50 -3.57 18.59
C CYS A 521 9.03 -3.16 19.98
N VAL A 522 9.64 -3.73 21.02
CA VAL A 522 9.30 -3.33 22.39
C VAL A 522 9.93 -1.94 22.54
N PHE A 523 11.07 -1.74 21.88
CA PHE A 523 11.78 -0.48 21.90
C PHE A 523 11.00 0.60 21.13
N TRP A 524 10.56 0.28 19.92
CA TRP A 524 9.84 1.24 19.09
C TRP A 524 8.41 1.54 19.54
N ASN A 525 7.69 0.51 19.98
CA ASN A 525 6.29 0.66 20.38
C ASN A 525 6.07 0.98 21.86
N GLN A 526 6.99 0.57 22.72
CA GLN A 526 6.82 0.82 24.15
C GLN A 526 7.84 1.75 24.80
N PHE A 527 9.13 1.54 24.53
CA PHE A 527 10.16 2.38 25.16
C PHE A 527 10.39 3.78 24.58
N LEU A 528 10.76 3.85 23.31
CA LEU A 528 11.03 5.13 22.66
C LEU A 528 9.91 6.15 22.80
N PRO A 529 8.65 5.77 22.50
CA PRO A 529 7.55 6.73 22.64
C PRO A 529 7.41 7.27 24.06
N LYS A 530 7.78 6.46 25.05
CA LYS A 530 7.71 6.88 26.45
C LYS A 530 8.87 7.82 26.79
N LEU A 531 10.03 7.60 26.16
CA LEU A 531 11.20 8.43 26.38
C LEU A 531 10.98 9.81 25.77
N LEU A 532 10.59 9.83 24.50
CA LEU A 532 10.33 11.08 23.77
C LEU A 532 9.20 11.87 24.44
N ASN A 533 8.27 11.15 25.05
CA ASN A 533 7.14 11.77 25.72
C ASN A 533 7.55 12.46 27.02
N ALA A 534 8.47 11.84 27.76
CA ALA A 534 8.95 12.39 29.03
C ALA A 534 9.83 13.62 28.81
N THR A 535 10.46 13.70 27.64
CA THR A 535 11.33 14.82 27.30
C THR A 535 10.75 15.65 26.14
C1 NAG B . -14.53 -16.31 14.64
C2 NAG B . -13.97 -17.14 15.79
C3 NAG B . -14.77 -18.43 15.96
C4 NAG B . -16.28 -18.13 16.03
C5 NAG B . -16.71 -17.28 14.83
C6 NAG B . -18.18 -16.91 14.93
C7 NAG B . -11.59 -16.83 16.17
C8 NAG B . -10.18 -17.25 15.81
N2 NAG B . -12.58 -17.47 15.53
O3 NAG B . -14.38 -19.08 17.15
O4 NAG B . -17.01 -19.34 16.02
O5 NAG B . -15.93 -16.09 14.81
O6 NAG B . -18.42 -16.08 16.05
O7 NAG B . -11.80 -15.95 17.00
C1 NAG B . -17.72 -19.60 17.20
C2 NAG B . -18.69 -20.76 16.98
C3 NAG B . -19.37 -21.16 18.28
C4 NAG B . -18.33 -21.41 19.38
C5 NAG B . -17.41 -20.20 19.51
C6 NAG B . -16.32 -20.45 20.55
C7 NAG B . -19.68 -20.79 14.77
C8 NAG B . -20.78 -20.29 13.85
N2 NAG B . -19.70 -20.34 16.02
O3 NAG B . -20.15 -22.32 18.09
O4 NAG B . -18.97 -21.68 20.60
O5 NAG B . -16.80 -19.92 18.25
O6 NAG B . -15.43 -21.44 20.07
O7 NAG B . -18.83 -21.59 14.36
C1 NAG C . -12.06 1.03 -28.18
C2 NAG C . -10.83 0.16 -28.47
C3 NAG C . -11.24 -1.18 -29.08
C4 NAG C . -12.02 -0.95 -30.37
C5 NAG C . -13.06 0.17 -30.20
C6 NAG C . -14.41 -0.24 -30.75
C7 NAG C . -8.90 1.59 -28.93
C8 NAG C . -8.02 2.24 -29.98
N2 NAG C . -9.92 0.85 -29.38
O3 NAG C . -12.05 -1.89 -28.17
O4 NAG C . -11.13 -0.61 -31.42
O5 NAG C . -13.21 0.46 -28.81
O6 NAG C . -15.37 0.76 -30.50
O7 NAG C . -8.67 1.74 -27.73
C1 NAG D . 2.96 12.66 26.87
C2 NAG D . 2.41 12.11 28.18
C3 NAG D . 1.49 13.14 28.82
C4 NAG D . 2.23 14.46 29.00
C5 NAG D . 2.81 14.93 27.65
C6 NAG D . 3.64 16.19 27.82
C7 NAG D . 1.97 9.77 28.62
C8 NAG D . 1.16 8.53 28.29
N2 NAG D . 1.69 10.88 27.94
O3 NAG D . 1.03 12.67 30.08
O4 NAG D . 1.36 15.44 29.51
O5 NAG D . 3.64 13.90 27.11
O6 NAG D . 4.75 15.95 28.66
O7 NAG D . 2.84 9.74 29.50
C1 NAG E . 16.10 -12.34 -18.95
C2 NAG E . 15.90 -10.82 -18.90
C3 NAG E . 16.34 -10.16 -20.21
C4 NAG E . 17.74 -10.58 -20.56
C5 NAG E . 17.80 -12.10 -20.66
C6 NAG E . 19.20 -12.58 -21.04
C7 NAG E . 14.11 -9.86 -17.57
C8 NAG E . 12.62 -9.60 -17.42
N2 NAG E . 14.50 -10.53 -18.66
O3 NAG E . 16.28 -8.75 -20.07
O4 NAG E . 18.12 -10.01 -21.80
O5 NAG E . 17.44 -12.65 -19.38
O6 NAG E . 20.15 -12.12 -20.09
O7 NAG E . 14.91 -9.48 -16.72
C1 E20 F . 11.67 11.87 -1.16
C2 E20 F . 11.83 11.93 -2.55
C3 E20 F . 11.70 10.78 -3.36
C4 E20 F . 11.38 9.50 -2.74
C5 E20 F . 11.21 9.48 -1.33
C6 E20 F . 11.36 10.62 -0.55
C7 E20 F . 10.93 8.16 -0.83
C8 E20 F . 10.81 7.26 -2.08
C9 E20 F . 11.11 8.14 -3.32
C10 E20 F . 11.84 6.17 -2.24
C11 E20 F . 11.48 4.92 -2.94
C12 E20 F . 10.52 4.07 -2.12
C13 E20 F . 10.09 2.83 -2.85
N14 E20 F . 9.52 3.13 -4.21
C15 E20 F . 10.47 3.85 -5.11
C16 E20 F . 10.96 5.16 -4.41
C17 E20 F . 9.00 2.05 -5.13
C18 E20 F . 7.75 1.35 -4.67
C19 E20 F . 6.49 1.84 -5.13
C20 E20 F . 5.25 1.30 -4.61
C21 E20 F . 5.30 0.29 -3.66
C22 E20 F . 6.56 -0.24 -3.21
C23 E20 F . 7.79 0.26 -3.74
O24 E20 F . 10.83 7.84 0.39
O25 E20 F . 11.75 12.98 -0.37
C26 E20 F . 11.62 12.94 1.13
O27 E20 F . 11.99 12.97 -3.34
C28 E20 F . 12.15 14.29 -2.89
#